data_2ZCQ
#
_entry.id   2ZCQ
#
_cell.length_a   80.440
_cell.length_b   80.440
_cell.length_c   90.040
_cell.angle_alpha   90.00
_cell.angle_beta   90.00
_cell.angle_gamma   120.00
#
_symmetry.space_group_name_H-M   'P 32 2 1'
#
loop_
_entity.id
_entity.type
_entity.pdbx_description
1 polymer 'Dehydrosqualene synthase'
2 non-polymer '(1R)-4-(3-phenoxyphenyl)-1-phosphonobutane-1-sulfonic acid'
3 non-polymer 'MAGNESIUM ION'
4 water water
#
_entity_poly.entity_id   1
_entity_poly.type   'polypeptide(L)'
_entity_poly.pdbx_seq_one_letter_code
;AAAAAAMTMMDMNFKYCHKIMKKHSKSFSYAFDLLPEDQRKAVWAIYAVCRKIDDSIDVYGDIQFLNQIKEDIQSIEKYP
YEYHHFQSDRRIMMALQHVAQHKNIAFQSFYNLIDTVYKDQHFTMFETDAELFGYCYGVAGTVGEVLTPILSDHETHQTY
DVARRLGESLQLINILRDVGEDFENERIYFSKQRLKQYEVDIAEVYQNGVNNHYIDLWEYYAAIAEKDFRDVMDQIKVFS
IEAQPIIELAARIYIEILDEVRQANYTLHERVFVEKRKKAKLFHEINSKYHRI
;
_entity_poly.pdbx_strand_id   A
#
# COMPACT_ATOMS: atom_id res chain seq x y z
N MET A 7 29.06 -10.20 -3.62
CA MET A 7 27.59 -10.31 -3.38
C MET A 7 27.09 -11.75 -3.41
N THR A 8 26.54 -12.19 -2.27
CA THR A 8 26.01 -13.54 -2.16
C THR A 8 24.66 -13.61 -2.88
N MET A 9 24.28 -14.78 -3.34
CA MET A 9 23.02 -14.96 -4.06
C MET A 9 21.75 -14.48 -3.34
N MET A 10 21.67 -14.73 -2.04
CA MET A 10 20.53 -14.24 -1.30
C MET A 10 20.43 -12.70 -1.52
N ASP A 11 21.58 -12.02 -1.58
CA ASP A 11 21.59 -10.58 -1.81
C ASP A 11 20.99 -10.31 -3.17
N MET A 12 21.27 -11.21 -4.10
CA MET A 12 20.75 -11.06 -5.46
C MET A 12 19.23 -11.05 -5.41
N ASN A 13 18.67 -11.97 -4.64
CA ASN A 13 17.23 -12.02 -4.53
C ASN A 13 16.66 -10.76 -3.90
N PHE A 14 17.34 -10.23 -2.88
CA PHE A 14 16.86 -8.99 -2.25
C PHE A 14 16.97 -7.86 -3.23
N LYS A 15 17.99 -7.86 -4.08
CA LYS A 15 18.14 -6.80 -5.08
C LYS A 15 16.98 -6.81 -6.09
N TYR A 16 16.50 -8.00 -6.40
CA TYR A 16 15.40 -8.12 -7.33
C TYR A 16 14.14 -7.54 -6.70
N CYS A 17 14.03 -7.69 -5.39
CA CYS A 17 12.87 -7.19 -4.65
C CYS A 17 12.89 -5.69 -4.65
N HIS A 18 14.07 -5.16 -4.42
CA HIS A 18 14.30 -3.74 -4.39
C HIS A 18 13.96 -3.16 -5.75
N LYS A 19 14.49 -3.80 -6.79
CA LYS A 19 14.25 -3.37 -8.17
C LYS A 19 12.76 -3.24 -8.38
N ILE A 20 12.02 -4.23 -7.91
CA ILE A 20 10.60 -4.19 -8.06
C ILE A 20 10.00 -3.01 -7.31
N MET A 21 10.44 -2.80 -6.07
CA MET A 21 9.89 -1.70 -5.30
C MET A 21 10.22 -0.35 -5.93
N LYS A 22 11.45 -0.20 -6.38
CA LYS A 22 11.89 1.05 -6.99
C LYS A 22 10.93 1.48 -8.11
N LYS A 23 10.59 0.50 -8.96
CA LYS A 23 9.72 0.69 -10.13
C LYS A 23 8.25 0.95 -9.87
N HIS A 24 7.65 0.20 -8.95
CA HIS A 24 6.23 0.40 -8.70
C HIS A 24 5.91 1.46 -7.67
N SER A 25 6.91 1.91 -6.93
CA SER A 25 6.65 2.93 -5.95
C SER A 25 7.87 3.78 -5.63
N LYS A 26 8.00 4.90 -6.33
CA LYS A 26 9.12 5.81 -6.11
C LYS A 26 9.01 6.43 -4.72
N SER A 27 7.77 6.58 -4.26
CA SER A 27 7.48 7.18 -2.97
C SER A 27 8.00 6.34 -1.80
N PHE A 28 7.46 5.12 -1.70
CA PHE A 28 7.82 4.20 -0.62
C PHE A 28 9.25 3.76 -0.72
N SER A 29 9.70 3.63 -1.97
CA SER A 29 11.07 3.25 -2.22
C SER A 29 11.93 4.37 -1.65
N TYR A 30 11.53 5.60 -1.97
CA TYR A 30 12.24 6.77 -1.52
C TYR A 30 12.37 6.82 -0.01
N ALA A 31 11.30 6.49 0.70
CA ALA A 31 11.31 6.52 2.15
C ALA A 31 12.03 5.38 2.80
N PHE A 32 11.58 4.16 2.54
CA PHE A 32 12.13 2.96 3.15
C PHE A 32 13.60 2.63 2.92
N ASP A 33 14.14 3.02 1.78
CA ASP A 33 15.55 2.75 1.53
C ASP A 33 16.45 3.49 2.53
N LEU A 34 15.85 4.37 3.33
CA LEU A 34 16.62 5.13 4.33
C LEU A 34 16.86 4.33 5.59
N LEU A 35 16.15 3.20 5.72
CA LEU A 35 16.26 2.32 6.89
C LEU A 35 17.54 1.53 6.89
N PRO A 36 17.98 1.08 8.07
CA PRO A 36 19.20 0.29 8.11
C PRO A 36 19.01 -0.99 7.29
N GLU A 37 20.12 -1.52 6.77
CA GLU A 37 20.18 -2.72 5.93
C GLU A 37 19.17 -3.82 6.19
N ASP A 38 19.29 -4.49 7.33
CA ASP A 38 18.41 -5.63 7.65
C ASP A 38 16.94 -5.27 7.48
N GLN A 39 16.60 -4.06 7.90
CA GLN A 39 15.24 -3.61 7.82
C GLN A 39 14.72 -3.29 6.45
N ARG A 40 15.51 -2.64 5.61
CA ARG A 40 14.97 -2.33 4.29
C ARG A 40 14.87 -3.60 3.47
N LYS A 41 15.84 -4.49 3.61
CA LYS A 41 15.82 -5.77 2.90
C LYS A 41 14.47 -6.43 3.16
N ALA A 42 14.08 -6.47 4.42
CA ALA A 42 12.83 -7.05 4.82
C ALA A 42 11.64 -6.33 4.14
N VAL A 43 11.67 -5.01 4.09
CA VAL A 43 10.58 -4.24 3.45
C VAL A 43 10.52 -4.52 1.94
N TRP A 44 11.69 -4.61 1.24
CA TRP A 44 11.76 -4.89 -0.22
C TRP A 44 11.04 -6.18 -0.51
N ALA A 45 11.43 -7.21 0.23
CA ALA A 45 10.86 -8.56 0.08
C ALA A 45 9.34 -8.56 0.30
N ILE A 46 8.91 -7.99 1.42
CA ILE A 46 7.49 -7.94 1.72
C ILE A 46 6.76 -7.11 0.69
N TYR A 47 7.40 -6.07 0.20
CA TYR A 47 6.75 -5.23 -0.77
C TYR A 47 6.62 -6.05 -2.05
N ALA A 48 7.72 -6.67 -2.48
CA ALA A 48 7.70 -7.45 -3.72
C ALA A 48 6.58 -8.48 -3.66
N VAL A 49 6.48 -9.19 -2.54
CA VAL A 49 5.42 -10.19 -2.42
C VAL A 49 4.09 -9.54 -2.67
N CYS A 50 3.81 -8.46 -1.96
CA CYS A 50 2.51 -7.83 -2.13
C CYS A 50 2.31 -7.35 -3.54
N ARG A 51 3.34 -6.79 -4.16
CA ARG A 51 3.22 -6.28 -5.53
C ARG A 51 2.83 -7.36 -6.53
N LYS A 52 3.45 -8.53 -6.36
CA LYS A 52 3.16 -9.64 -7.25
C LYS A 52 1.72 -10.01 -7.07
N ILE A 53 1.26 -10.04 -5.83
CA ILE A 53 -0.12 -10.40 -5.58
C ILE A 53 -1.03 -9.41 -6.29
N ASP A 54 -0.89 -8.13 -5.94
CA ASP A 54 -1.70 -7.04 -6.48
C ASP A 54 -1.71 -7.01 -7.99
N ASP A 55 -0.53 -7.07 -8.58
CA ASP A 55 -0.43 -7.04 -10.04
C ASP A 55 -0.79 -8.35 -10.74
N SER A 56 -0.77 -9.48 -10.05
CA SER A 56 -1.14 -10.75 -10.69
C SER A 56 -2.64 -10.74 -10.98
N ILE A 57 -3.32 -9.65 -10.60
CA ILE A 57 -4.76 -9.50 -10.77
C ILE A 57 -5.21 -8.12 -11.26
N ASP A 58 -4.46 -7.08 -10.93
CA ASP A 58 -4.87 -5.75 -11.34
C ASP A 58 -4.30 -5.36 -12.69
N VAL A 59 -3.49 -6.26 -13.26
CA VAL A 59 -2.91 -6.01 -14.57
C VAL A 59 -2.74 -7.29 -15.39
N TYR A 60 -2.36 -8.38 -14.74
CA TYR A 60 -2.19 -9.66 -15.44
C TYR A 60 -3.33 -10.58 -15.07
N GLY A 61 -4.43 -10.01 -14.58
CA GLY A 61 -5.58 -10.79 -14.20
C GLY A 61 -5.41 -12.30 -14.41
N ASP A 62 -4.75 -12.95 -13.45
CA ASP A 62 -4.51 -14.39 -13.55
C ASP A 62 -4.54 -15.05 -12.17
N ILE A 63 -5.66 -15.69 -11.84
CA ILE A 63 -5.79 -16.36 -10.55
C ILE A 63 -4.91 -17.61 -10.42
N GLN A 64 -4.41 -18.11 -11.53
CA GLN A 64 -3.55 -19.30 -11.47
C GLN A 64 -2.26 -18.93 -10.71
N PHE A 65 -1.67 -17.82 -11.11
CA PHE A 65 -0.45 -17.30 -10.50
C PHE A 65 -0.75 -17.04 -9.03
N LEU A 66 -1.81 -16.29 -8.79
CA LEU A 66 -2.22 -15.98 -7.44
C LEU A 66 -2.26 -17.22 -6.56
N ASN A 67 -2.53 -18.36 -7.16
CA ASN A 67 -2.57 -19.59 -6.38
C ASN A 67 -1.15 -20.04 -6.20
N GLN A 68 -0.33 -19.76 -7.20
CA GLN A 68 1.06 -20.15 -7.15
C GLN A 68 1.68 -19.41 -5.97
N ILE A 69 1.44 -18.10 -5.89
CA ILE A 69 1.97 -17.30 -4.79
C ILE A 69 1.37 -17.71 -3.44
N LYS A 70 0.05 -17.80 -3.38
CA LYS A 70 -0.61 -18.21 -2.13
C LYS A 70 -0.03 -19.55 -1.58
N GLU A 71 0.37 -20.42 -2.50
CA GLU A 71 0.93 -21.73 -2.14
C GLU A 71 2.36 -21.58 -1.59
N ASP A 72 3.23 -20.93 -2.36
CA ASP A 72 4.60 -20.70 -1.94
C ASP A 72 4.61 -20.20 -0.48
N ILE A 73 3.74 -19.22 -0.17
CA ILE A 73 3.70 -18.63 1.16
C ILE A 73 3.29 -19.60 2.23
N GLN A 74 2.21 -20.34 1.94
CA GLN A 74 1.73 -21.32 2.88
C GLN A 74 2.91 -22.28 3.10
N SER A 75 3.61 -22.59 1.98
CA SER A 75 4.81 -23.47 2.00
C SER A 75 5.85 -22.94 3.02
N ILE A 76 6.14 -21.64 2.94
CA ILE A 76 7.09 -21.00 3.84
C ILE A 76 6.61 -21.05 5.28
N GLU A 77 5.36 -20.63 5.50
CA GLU A 77 4.79 -20.59 6.85
C GLU A 77 4.88 -21.96 7.50
N LYS A 78 4.56 -22.96 6.68
CA LYS A 78 4.55 -24.33 7.13
C LYS A 78 5.95 -24.88 7.45
N TYR A 79 6.91 -24.61 6.55
CA TYR A 79 8.28 -25.12 6.67
C TYR A 79 9.33 -24.05 6.42
N PRO A 80 9.46 -23.09 7.35
CA PRO A 80 10.42 -21.99 7.23
C PRO A 80 11.83 -22.41 6.89
N TYR A 81 12.21 -23.62 7.32
CA TYR A 81 13.57 -24.13 7.13
C TYR A 81 13.79 -25.33 6.21
N GLU A 82 13.11 -25.31 5.08
CA GLU A 82 13.24 -26.37 4.09
C GLU A 82 13.33 -25.66 2.77
N TYR A 83 14.07 -26.26 1.84
CA TYR A 83 14.17 -25.67 0.54
C TYR A 83 12.85 -25.95 -0.18
N HIS A 84 12.33 -24.95 -0.86
CA HIS A 84 11.08 -25.09 -1.61
C HIS A 84 11.32 -24.74 -3.07
N HIS A 85 10.56 -25.37 -3.94
CA HIS A 85 10.61 -25.05 -5.35
C HIS A 85 9.34 -24.19 -5.53
N PHE A 86 9.45 -22.92 -5.21
CA PHE A 86 8.29 -22.03 -5.30
C PHE A 86 7.66 -21.95 -6.73
N GLN A 87 6.35 -22.01 -6.80
CA GLN A 87 5.67 -22.00 -8.10
C GLN A 87 5.57 -20.66 -8.86
N SER A 88 5.63 -19.55 -8.13
CA SER A 88 5.49 -18.24 -8.75
C SER A 88 6.79 -17.51 -9.13
N ASP A 89 7.41 -16.87 -8.15
CA ASP A 89 8.65 -16.13 -8.41
C ASP A 89 9.70 -16.40 -7.34
N ARG A 90 10.50 -17.44 -7.59
CA ARG A 90 11.59 -17.93 -6.73
C ARG A 90 12.42 -16.89 -5.95
N ARG A 91 12.82 -15.83 -6.63
CA ARG A 91 13.63 -14.82 -5.97
C ARG A 91 12.90 -14.20 -4.76
N ILE A 92 11.75 -13.57 -5.01
CA ILE A 92 10.94 -12.98 -3.96
C ILE A 92 10.66 -13.90 -2.77
N MET A 93 10.26 -15.15 -3.05
CA MET A 93 9.93 -16.12 -2.00
C MET A 93 11.13 -16.48 -1.19
N MET A 94 12.26 -16.57 -1.86
CA MET A 94 13.51 -16.90 -1.19
C MET A 94 13.84 -15.78 -0.21
N ALA A 95 13.66 -14.53 -0.68
CA ALA A 95 13.91 -13.34 0.16
C ALA A 95 12.87 -13.35 1.33
N LEU A 96 11.62 -13.61 1.02
CA LEU A 96 10.60 -13.64 2.06
C LEU A 96 10.95 -14.74 3.06
N GLN A 97 11.24 -15.93 2.55
CA GLN A 97 11.58 -17.02 3.45
C GLN A 97 12.78 -16.62 4.30
N HIS A 98 13.75 -15.92 3.70
CA HIS A 98 14.90 -15.49 4.48
C HIS A 98 14.44 -14.51 5.56
N VAL A 99 13.61 -13.53 5.20
CA VAL A 99 13.12 -12.62 6.22
C VAL A 99 12.40 -13.38 7.37
N ALA A 100 11.55 -14.34 7.01
CA ALA A 100 10.79 -15.04 8.03
C ALA A 100 11.64 -15.87 9.01
N GLN A 101 12.85 -16.24 8.62
CA GLN A 101 13.69 -17.03 9.51
C GLN A 101 14.37 -16.13 10.52
N HIS A 102 14.00 -14.84 10.55
CA HIS A 102 14.63 -13.88 11.47
C HIS A 102 13.60 -13.01 12.16
N LYS A 103 12.52 -12.70 11.44
CA LYS A 103 11.46 -11.85 11.94
C LYS A 103 10.10 -12.56 11.99
N ASN A 104 9.22 -12.09 12.88
CA ASN A 104 7.89 -12.67 12.99
C ASN A 104 7.11 -12.15 11.81
N ILE A 105 6.41 -13.04 11.14
CA ILE A 105 5.61 -12.63 10.00
C ILE A 105 4.17 -13.07 10.23
N ALA A 106 3.24 -12.17 9.97
CA ALA A 106 1.81 -12.43 10.13
C ALA A 106 1.34 -13.02 8.82
N PHE A 107 1.45 -14.33 8.69
CA PHE A 107 1.05 -14.92 7.45
C PHE A 107 -0.40 -14.67 7.12
N GLN A 108 -1.27 -14.73 8.13
CA GLN A 108 -2.67 -14.49 7.86
C GLN A 108 -2.88 -13.20 7.16
N SER A 109 -1.97 -12.25 7.37
CA SER A 109 -2.12 -10.96 6.73
C SER A 109 -1.90 -11.05 5.23
N PHE A 110 -0.93 -11.84 4.80
CA PHE A 110 -0.69 -11.98 3.37
C PHE A 110 -1.93 -12.69 2.85
N TYR A 111 -2.48 -13.63 3.64
CA TYR A 111 -3.71 -14.37 3.27
C TYR A 111 -4.92 -13.45 3.10
N ASN A 112 -5.05 -12.43 3.94
CA ASN A 112 -6.17 -11.52 3.77
C ASN A 112 -6.02 -10.74 2.46
N LEU A 113 -4.79 -10.33 2.17
CA LEU A 113 -4.50 -9.54 0.97
C LEU A 113 -4.88 -10.37 -0.25
N ILE A 114 -4.44 -11.62 -0.24
CA ILE A 114 -4.73 -12.53 -1.32
C ILE A 114 -6.23 -12.67 -1.49
N ASP A 115 -6.92 -13.06 -0.42
CA ASP A 115 -8.38 -13.18 -0.47
C ASP A 115 -8.94 -11.92 -1.08
N THR A 116 -8.37 -10.79 -0.69
CA THR A 116 -8.84 -9.50 -1.15
C THR A 116 -8.66 -9.19 -2.61
N VAL A 117 -7.45 -9.40 -3.14
CA VAL A 117 -7.21 -9.09 -4.53
C VAL A 117 -7.95 -10.09 -5.42
N TYR A 118 -8.27 -11.25 -4.84
CA TYR A 118 -9.03 -12.25 -5.56
C TYR A 118 -10.35 -11.56 -5.91
N LYS A 119 -11.13 -11.16 -4.89
CA LYS A 119 -12.41 -10.48 -5.10
C LYS A 119 -12.35 -9.42 -6.19
N ASP A 120 -11.17 -8.87 -6.43
CA ASP A 120 -10.99 -7.85 -7.45
C ASP A 120 -11.07 -8.50 -8.82
N GLN A 121 -11.52 -9.76 -8.86
CA GLN A 121 -11.66 -10.42 -10.14
C GLN A 121 -13.10 -10.17 -10.58
N HIS A 122 -14.07 -10.76 -9.90
CA HIS A 122 -15.45 -10.46 -10.26
C HIS A 122 -15.82 -9.28 -9.35
N PHE A 123 -15.41 -8.08 -9.82
CA PHE A 123 -15.63 -6.82 -9.11
C PHE A 123 -17.07 -6.35 -9.04
N THR A 124 -17.45 -5.87 -7.85
CA THR A 124 -18.79 -5.35 -7.59
C THR A 124 -18.64 -4.17 -6.66
N MET A 125 -19.17 -3.02 -7.07
CA MET A 125 -19.08 -1.82 -6.27
C MET A 125 -19.47 -2.01 -4.82
N PHE A 126 -19.14 -1.02 -4.00
CA PHE A 126 -19.43 -1.09 -2.60
C PHE A 126 -20.69 -0.30 -2.40
N GLU A 127 -21.60 -0.91 -1.66
CA GLU A 127 -22.85 -0.28 -1.37
C GLU A 127 -22.50 0.83 -0.41
N THR A 128 -21.77 0.49 0.64
CA THR A 128 -21.42 1.46 1.66
C THR A 128 -19.92 1.68 1.87
N ASP A 129 -19.61 2.82 2.48
CA ASP A 129 -18.23 3.19 2.80
C ASP A 129 -17.61 2.13 3.70
N ALA A 130 -18.44 1.40 4.44
CA ALA A 130 -17.95 0.35 5.32
C ALA A 130 -17.24 -0.71 4.51
N GLU A 131 -17.82 -1.09 3.39
CA GLU A 131 -17.22 -2.07 2.51
C GLU A 131 -16.00 -1.46 1.88
N LEU A 132 -16.08 -0.17 1.55
CA LEU A 132 -14.93 0.53 0.95
C LEU A 132 -13.76 0.43 1.95
N PHE A 133 -14.08 0.80 3.18
CA PHE A 133 -13.13 0.78 4.28
C PHE A 133 -12.55 -0.62 4.55
N GLY A 134 -13.38 -1.67 4.48
CA GLY A 134 -12.89 -3.03 4.71
C GLY A 134 -12.00 -3.48 3.60
N TYR A 135 -12.26 -2.97 2.39
CA TYR A 135 -11.41 -3.29 1.26
C TYR A 135 -10.06 -2.60 1.57
N CYS A 136 -10.09 -1.36 2.06
CA CYS A 136 -8.80 -0.69 2.42
C CYS A 136 -8.06 -1.50 3.45
N TYR A 137 -8.79 -2.23 4.28
CA TYR A 137 -8.08 -3.05 5.23
C TYR A 137 -7.35 -4.22 4.55
N GLY A 138 -8.09 -5.00 3.77
CA GLY A 138 -7.51 -6.18 3.14
C GLY A 138 -6.38 -5.89 2.19
N VAL A 139 -6.37 -4.67 1.64
CA VAL A 139 -5.36 -4.31 0.69
C VAL A 139 -4.19 -3.52 1.23
N ALA A 140 -4.35 -2.99 2.42
CA ALA A 140 -3.31 -2.13 2.94
C ALA A 140 -3.11 -2.24 4.45
N GLY A 141 -4.20 -2.22 5.20
CA GLY A 141 -4.09 -2.33 6.63
C GLY A 141 -3.29 -3.58 6.98
N THR A 142 -3.56 -4.64 6.23
CA THR A 142 -2.88 -5.88 6.46
C THR A 142 -1.39 -5.80 6.15
N VAL A 143 -1.02 -4.91 5.21
CA VAL A 143 0.40 -4.72 4.87
C VAL A 143 1.09 -4.03 6.02
N GLY A 144 0.39 -3.07 6.61
CA GLY A 144 0.93 -2.36 7.77
C GLY A 144 1.15 -3.41 8.87
N GLU A 145 0.24 -4.38 8.98
CA GLU A 145 0.38 -5.41 10.01
C GLU A 145 1.59 -6.31 9.71
N VAL A 146 1.82 -6.72 8.45
CA VAL A 146 3.02 -7.55 8.18
C VAL A 146 4.28 -6.72 8.48
N LEU A 147 4.27 -5.44 8.11
CA LEU A 147 5.44 -4.58 8.32
C LEU A 147 5.74 -4.25 9.78
N THR A 148 4.74 -4.38 10.65
CA THR A 148 4.96 -3.99 12.05
C THR A 148 6.17 -4.61 12.75
N PRO A 149 6.28 -5.95 12.78
CA PRO A 149 7.46 -6.51 13.47
C PRO A 149 8.74 -5.92 12.95
N ILE A 150 8.74 -5.45 11.69
CA ILE A 150 9.94 -4.89 11.06
C ILE A 150 10.31 -3.46 11.46
N LEU A 151 9.31 -2.62 11.64
CA LEU A 151 9.51 -1.23 11.95
C LEU A 151 9.28 -0.91 13.43
N SER A 152 9.19 -1.94 14.25
CA SER A 152 8.91 -1.69 15.64
C SER A 152 9.71 -2.60 16.49
N ASP A 153 9.64 -2.33 17.80
CA ASP A 153 10.31 -3.10 18.84
C ASP A 153 9.19 -3.70 19.71
N HIS A 154 8.14 -2.90 19.91
CA HIS A 154 6.99 -3.26 20.71
C HIS A 154 5.81 -3.70 19.84
N GLU A 155 5.91 -4.91 19.29
CA GLU A 155 4.83 -5.42 18.46
C GLU A 155 3.69 -5.71 19.41
N THR A 156 2.95 -4.67 19.75
CA THR A 156 1.85 -4.80 20.66
C THR A 156 0.59 -4.40 19.91
N HIS A 157 -0.55 -4.62 20.54
CA HIS A 157 -1.80 -4.27 19.94
C HIS A 157 -1.77 -2.81 19.44
N GLN A 158 -1.30 -1.87 20.26
CA GLN A 158 -1.30 -0.47 19.84
C GLN A 158 -0.46 -0.24 18.56
N THR A 159 0.68 -0.92 18.46
CA THR A 159 1.52 -0.74 17.27
C THR A 159 0.82 -1.32 16.05
N TYR A 160 0.30 -2.56 16.15
CA TYR A 160 -0.39 -3.15 15.00
C TYR A 160 -1.57 -2.29 14.55
N ASP A 161 -2.31 -1.77 15.51
CA ASP A 161 -3.48 -0.95 15.25
C ASP A 161 -3.12 0.36 14.56
N VAL A 162 -1.97 0.94 14.90
CA VAL A 162 -1.55 2.19 14.26
C VAL A 162 -1.06 1.91 12.83
N ALA A 163 -0.17 0.92 12.70
CA ALA A 163 0.38 0.54 11.40
C ALA A 163 -0.80 0.28 10.45
N ARG A 164 -1.78 -0.47 10.96
CA ARG A 164 -2.96 -0.81 10.19
C ARG A 164 -3.70 0.44 9.69
N ARG A 165 -4.01 1.33 10.61
CA ARG A 165 -4.70 2.55 10.22
C ARG A 165 -3.84 3.34 9.22
N LEU A 166 -2.56 3.42 9.49
CA LEU A 166 -1.68 4.11 8.56
C LEU A 166 -1.99 3.51 7.19
N GLY A 167 -1.84 2.18 7.14
CA GLY A 167 -2.08 1.43 5.93
C GLY A 167 -3.40 1.75 5.27
N GLU A 168 -4.47 1.76 6.05
CA GLU A 168 -5.80 2.04 5.47
C GLU A 168 -5.88 3.47 4.93
N SER A 169 -5.26 4.40 5.65
CA SER A 169 -5.23 5.81 5.25
C SER A 169 -4.41 5.97 3.95
N LEU A 170 -3.23 5.39 3.92
CA LEU A 170 -2.43 5.50 2.72
C LEU A 170 -3.21 4.96 1.50
N GLN A 171 -4.00 3.92 1.70
CA GLN A 171 -4.78 3.34 0.60
C GLN A 171 -5.93 4.24 0.15
N LEU A 172 -6.55 4.98 1.08
CA LEU A 172 -7.63 5.92 0.73
C LEU A 172 -7.09 7.02 -0.18
N ILE A 173 -5.88 7.45 0.12
CA ILE A 173 -5.21 8.46 -0.69
C ILE A 173 -4.93 7.80 -2.07
N ASN A 174 -4.48 6.55 -2.04
CA ASN A 174 -4.18 5.85 -3.25
C ASN A 174 -5.39 5.87 -4.17
N ILE A 175 -6.54 5.57 -3.59
CA ILE A 175 -7.80 5.55 -4.33
C ILE A 175 -8.17 6.99 -4.79
N LEU A 176 -7.77 7.97 -4.00
CA LEU A 176 -8.12 9.34 -4.30
C LEU A 176 -7.41 9.89 -5.53
N ARG A 177 -6.30 9.26 -5.88
CA ARG A 177 -5.48 9.64 -7.02
C ARG A 177 -5.90 8.87 -8.26
N ASP A 178 -6.22 7.59 -8.07
CA ASP A 178 -6.53 6.69 -9.19
C ASP A 178 -7.96 6.58 -9.73
N VAL A 179 -8.82 7.54 -9.37
CA VAL A 179 -10.21 7.46 -9.81
C VAL A 179 -10.24 7.18 -11.31
N GLY A 180 -9.63 8.06 -12.11
CA GLY A 180 -9.60 7.85 -13.54
C GLY A 180 -9.02 6.50 -13.95
N GLU A 181 -7.78 6.23 -13.52
CA GLU A 181 -7.09 4.97 -13.83
C GLU A 181 -7.99 3.81 -13.54
N ASP A 182 -8.67 3.90 -12.40
CA ASP A 182 -9.58 2.88 -11.91
C ASP A 182 -10.83 2.83 -12.80
N PHE A 183 -11.29 3.99 -13.25
CA PHE A 183 -12.46 4.02 -14.11
C PHE A 183 -12.09 3.40 -15.46
N GLU A 184 -10.95 3.75 -16.02
CA GLU A 184 -10.55 3.13 -17.29
C GLU A 184 -10.57 1.59 -17.17
N ASN A 185 -10.16 1.08 -16.01
CA ASN A 185 -10.10 -0.34 -15.71
C ASN A 185 -11.44 -0.89 -15.28
N GLU A 186 -12.47 -0.06 -15.37
CA GLU A 186 -13.81 -0.48 -15.00
C GLU A 186 -14.04 -0.70 -13.49
N ARG A 187 -13.43 0.15 -12.65
CA ARG A 187 -13.60 0.03 -11.21
C ARG A 187 -13.80 1.39 -10.53
N ILE A 188 -14.84 1.45 -9.70
CA ILE A 188 -15.14 2.63 -8.93
C ILE A 188 -15.15 2.18 -7.48
N TYR A 189 -14.32 2.80 -6.68
CA TYR A 189 -14.21 2.44 -5.28
C TYR A 189 -15.02 3.32 -4.32
N PHE A 190 -15.45 4.50 -4.75
CA PHE A 190 -16.30 5.33 -3.90
C PHE A 190 -17.55 4.47 -3.74
N SER A 191 -18.26 4.56 -2.61
CA SER A 191 -19.44 3.70 -2.47
C SER A 191 -20.64 4.27 -3.25
N LYS A 192 -21.65 3.45 -3.54
CA LYS A 192 -22.83 3.94 -4.28
C LYS A 192 -23.62 4.80 -3.32
N GLN A 193 -23.63 4.39 -2.06
CA GLN A 193 -24.31 5.14 -1.03
C GLN A 193 -23.74 6.53 -1.14
N ARG A 194 -22.44 6.64 -1.00
CA ARG A 194 -21.85 7.95 -1.05
C ARG A 194 -21.89 8.60 -2.45
N LEU A 195 -21.94 7.79 -3.50
CA LEU A 195 -21.97 8.34 -4.85
C LEU A 195 -23.34 8.95 -5.17
N LYS A 196 -24.38 8.31 -4.62
CA LYS A 196 -25.74 8.74 -4.80
C LYS A 196 -25.94 10.00 -3.97
N GLN A 197 -25.59 9.91 -2.69
CA GLN A 197 -25.74 11.03 -1.77
C GLN A 197 -25.16 12.33 -2.29
N TYR A 198 -24.10 12.23 -3.08
CA TYR A 198 -23.49 13.43 -3.60
C TYR A 198 -23.88 13.70 -5.04
N GLU A 199 -24.85 12.92 -5.51
CA GLU A 199 -25.35 13.09 -6.86
C GLU A 199 -24.18 13.22 -7.84
N VAL A 200 -23.40 12.16 -7.99
CA VAL A 200 -22.29 12.20 -8.92
C VAL A 200 -22.22 10.90 -9.70
N ASP A 201 -21.79 10.97 -10.95
CA ASP A 201 -21.65 9.77 -11.73
C ASP A 201 -20.22 9.84 -12.21
N ILE A 202 -19.47 8.76 -12.06
CA ILE A 202 -18.07 8.75 -12.44
C ILE A 202 -17.90 8.78 -13.94
N ALA A 203 -18.67 7.94 -14.64
CA ALA A 203 -18.60 7.89 -16.10
C ALA A 203 -18.88 9.30 -16.68
N GLU A 204 -19.88 9.98 -16.13
CA GLU A 204 -20.28 11.32 -16.55
C GLU A 204 -19.21 12.36 -16.23
N VAL A 205 -18.65 12.34 -15.02
CA VAL A 205 -17.60 13.31 -14.70
C VAL A 205 -16.40 13.06 -15.61
N TYR A 206 -16.15 11.78 -15.92
CA TYR A 206 -15.04 11.38 -16.78
C TYR A 206 -15.09 12.09 -18.12
N GLN A 207 -16.30 12.25 -18.64
CA GLN A 207 -16.51 12.94 -19.92
C GLN A 207 -16.35 14.45 -19.73
N ASN A 208 -17.46 15.05 -19.31
CA ASN A 208 -17.59 16.49 -19.09
C ASN A 208 -16.71 17.17 -18.03
N GLY A 209 -15.83 16.41 -17.40
CA GLY A 209 -14.96 17.01 -16.40
C GLY A 209 -15.52 17.12 -15.00
N VAL A 210 -14.66 17.52 -14.07
CA VAL A 210 -15.07 17.63 -12.70
C VAL A 210 -16.21 18.63 -12.61
N ASN A 211 -16.73 18.78 -11.39
CA ASN A 211 -17.81 19.71 -11.09
C ASN A 211 -17.71 19.93 -9.59
N ASN A 212 -18.79 20.32 -8.94
CA ASN A 212 -18.70 20.54 -7.51
C ASN A 212 -19.26 19.37 -6.73
N HIS A 213 -20.11 18.57 -7.37
CA HIS A 213 -20.68 17.40 -6.71
C HIS A 213 -19.53 16.45 -6.44
N TYR A 214 -18.73 16.24 -7.47
CA TYR A 214 -17.56 15.38 -7.39
C TYR A 214 -16.57 15.97 -6.39
N ILE A 215 -16.10 17.18 -6.65
CA ILE A 215 -15.14 17.80 -5.76
C ILE A 215 -15.52 17.74 -4.29
N ASP A 216 -16.80 17.94 -4.00
CA ASP A 216 -17.22 17.87 -2.61
C ASP A 216 -17.04 16.43 -2.15
N LEU A 217 -17.59 15.50 -2.92
CA LEU A 217 -17.46 14.10 -2.61
C LEU A 217 -16.00 13.74 -2.43
N TRP A 218 -15.19 14.08 -3.42
CA TRP A 218 -13.78 13.78 -3.35
C TRP A 218 -13.19 14.32 -2.05
N GLU A 219 -13.63 15.49 -1.64
CA GLU A 219 -13.15 16.13 -0.41
C GLU A 219 -13.70 15.48 0.85
N TYR A 220 -14.87 14.86 0.72
CA TYR A 220 -15.44 14.17 1.86
C TYR A 220 -14.41 13.11 2.25
N TYR A 221 -14.05 12.27 1.30
CA TYR A 221 -13.06 11.22 1.52
C TYR A 221 -11.71 11.79 1.94
N ALA A 222 -11.22 12.79 1.22
CA ALA A 222 -9.93 13.38 1.58
C ALA A 222 -9.93 13.75 3.05
N ALA A 223 -11.05 14.32 3.48
CA ALA A 223 -11.24 14.75 4.86
C ALA A 223 -10.91 13.59 5.77
N ILE A 224 -11.59 12.46 5.54
CA ILE A 224 -11.37 11.26 6.33
C ILE A 224 -9.90 10.89 6.32
N ALA A 225 -9.36 10.62 5.12
CA ALA A 225 -7.95 10.25 4.94
C ALA A 225 -6.98 11.06 5.79
N GLU A 226 -7.08 12.40 5.66
CA GLU A 226 -6.25 13.38 6.38
C GLU A 226 -6.41 13.35 7.89
N LYS A 227 -7.63 13.11 8.33
CA LYS A 227 -7.94 13.04 9.76
C LYS A 227 -7.22 11.84 10.39
N ASP A 228 -7.35 10.70 9.74
CA ASP A 228 -6.72 9.47 10.18
C ASP A 228 -5.24 9.63 10.04
N PHE A 229 -4.79 10.37 9.03
CA PHE A 229 -3.35 10.58 8.88
C PHE A 229 -2.79 11.34 10.10
N ARG A 230 -3.46 12.42 10.51
CA ARG A 230 -3.00 13.19 11.65
C ARG A 230 -2.97 12.33 12.92
N ASP A 231 -4.02 11.54 13.11
CA ASP A 231 -4.08 10.66 14.26
C ASP A 231 -2.89 9.76 14.33
N VAL A 232 -2.52 9.09 13.24
CA VAL A 232 -1.37 8.20 13.30
C VAL A 232 -0.05 8.92 13.58
N MET A 233 0.16 10.09 12.96
CA MET A 233 1.38 10.86 13.21
C MET A 233 1.55 11.08 14.70
N ASP A 234 0.47 11.48 15.37
CA ASP A 234 0.55 11.68 16.82
C ASP A 234 1.12 10.44 17.50
N GLN A 235 0.60 9.27 17.12
CA GLN A 235 1.07 8.01 17.69
C GLN A 235 2.29 7.39 17.01
N ILE A 236 3.04 8.19 16.25
CA ILE A 236 4.20 7.66 15.53
C ILE A 236 5.29 7.01 16.37
N LYS A 237 5.41 7.41 17.63
CA LYS A 237 6.45 6.83 18.48
C LYS A 237 6.24 5.34 18.78
N VAL A 238 5.09 4.79 18.42
CA VAL A 238 4.89 3.38 18.67
C VAL A 238 5.89 2.64 17.79
N PHE A 239 6.51 3.35 16.87
CA PHE A 239 7.50 2.75 15.97
C PHE A 239 8.92 3.04 16.42
N SER A 240 9.86 2.19 16.01
CA SER A 240 11.27 2.34 16.36
C SER A 240 11.75 3.76 16.05
N ILE A 241 12.81 4.19 16.74
CA ILE A 241 13.34 5.54 16.57
C ILE A 241 13.78 5.76 15.16
N GLU A 242 14.51 4.79 14.61
CA GLU A 242 14.96 4.93 13.24
C GLU A 242 13.76 4.84 12.28
N ALA A 243 12.75 4.08 12.66
CA ALA A 243 11.60 3.94 11.77
C ALA A 243 10.74 5.19 11.68
N GLN A 244 10.55 5.84 12.82
CA GLN A 244 9.73 7.04 12.93
C GLN A 244 9.84 8.08 11.83
N PRO A 245 11.03 8.68 11.64
CA PRO A 245 11.18 9.70 10.59
C PRO A 245 10.85 9.14 9.19
N ILE A 246 11.41 7.98 8.91
CA ILE A 246 11.15 7.32 7.64
C ILE A 246 9.64 7.10 7.45
N ILE A 247 8.96 6.57 8.47
CA ILE A 247 7.53 6.32 8.35
C ILE A 247 6.82 7.66 8.13
N GLU A 248 7.27 8.67 8.85
CA GLU A 248 6.69 9.99 8.68
C GLU A 248 6.90 10.50 7.24
N LEU A 249 8.12 10.38 6.72
CA LEU A 249 8.37 10.85 5.38
C LEU A 249 7.54 10.03 4.38
N ALA A 250 7.43 8.72 4.61
CA ALA A 250 6.66 7.84 3.73
C ALA A 250 5.24 8.35 3.71
N ALA A 251 4.70 8.63 4.89
CA ALA A 251 3.33 9.12 4.98
C ALA A 251 3.15 10.56 4.47
N ARG A 252 4.04 11.48 4.84
CA ARG A 252 3.86 12.84 4.33
C ARG A 252 4.10 12.83 2.82
N ILE A 253 5.06 12.04 2.36
CA ILE A 253 5.32 11.98 0.92
C ILE A 253 4.10 11.47 0.16
N TYR A 254 3.35 10.58 0.80
CA TYR A 254 2.17 10.01 0.16
C TYR A 254 0.98 10.91 0.29
N ILE A 255 0.83 11.52 1.47
CA ILE A 255 -0.30 12.39 1.72
C ILE A 255 -0.28 13.66 0.89
N GLU A 256 0.93 14.03 0.47
CA GLU A 256 1.15 15.19 -0.40
C GLU A 256 0.36 15.02 -1.71
N ILE A 257 0.09 13.76 -2.07
CA ILE A 257 -0.64 13.42 -3.28
C ILE A 257 -2.02 14.07 -3.34
N LEU A 258 -2.55 14.42 -2.19
CA LEU A 258 -3.88 15.03 -2.14
C LEU A 258 -3.79 16.45 -2.72
N ASP A 259 -2.76 17.19 -2.30
CA ASP A 259 -2.50 18.55 -2.79
C ASP A 259 -2.25 18.54 -4.32
N GLU A 260 -1.64 17.44 -4.80
CA GLU A 260 -1.35 17.27 -6.23
C GLU A 260 -2.60 16.99 -7.03
N VAL A 261 -3.55 16.25 -6.45
CA VAL A 261 -4.78 15.97 -7.17
C VAL A 261 -5.49 17.31 -7.25
N ARG A 262 -5.40 18.08 -6.16
CA ARG A 262 -6.05 19.38 -6.13
C ARG A 262 -5.47 20.29 -7.21
N GLN A 263 -4.17 20.54 -7.13
CA GLN A 263 -3.50 21.38 -8.09
C GLN A 263 -3.87 21.08 -9.55
N ALA A 264 -4.08 19.81 -9.87
CA ALA A 264 -4.41 19.42 -11.24
C ALA A 264 -5.91 19.36 -11.45
N ASN A 265 -6.61 20.04 -10.55
CA ASN A 265 -8.07 20.12 -10.58
C ASN A 265 -8.82 18.80 -10.55
N TYR A 266 -8.36 17.90 -9.69
CA TYR A 266 -9.00 16.61 -9.54
C TYR A 266 -9.09 15.86 -10.87
N THR A 267 -8.04 15.94 -11.68
CA THR A 267 -8.09 15.30 -12.99
C THR A 267 -8.40 13.81 -13.02
N LEU A 268 -9.21 13.39 -13.98
CA LEU A 268 -9.59 11.99 -14.12
C LEU A 268 -8.84 11.35 -15.30
N HIS A 269 -7.87 12.07 -15.84
CA HIS A 269 -7.12 11.60 -17.01
C HIS A 269 -5.61 11.50 -16.85
N GLU A 270 -5.14 11.74 -15.63
CA GLU A 270 -3.72 11.67 -15.30
C GLU A 270 -3.49 11.11 -13.90
N ARG A 271 -2.34 10.48 -13.71
CA ARG A 271 -1.96 9.96 -12.41
C ARG A 271 -1.00 11.04 -11.98
N VAL A 272 -1.45 11.94 -11.12
CA VAL A 272 -0.58 13.00 -10.64
C VAL A 272 0.55 12.31 -9.86
N PHE A 273 1.55 13.05 -9.41
CA PHE A 273 2.67 12.47 -8.67
C PHE A 273 3.42 13.56 -7.95
N VAL A 274 4.36 13.17 -7.10
CA VAL A 274 5.17 14.11 -6.33
C VAL A 274 6.61 14.03 -6.81
N GLU A 275 7.08 15.05 -7.53
CA GLU A 275 8.47 15.03 -8.03
C GLU A 275 9.49 14.60 -7.01
N LYS A 276 10.47 13.83 -7.47
CA LYS A 276 11.50 13.39 -6.56
C LYS A 276 12.09 14.58 -5.80
N ARG A 277 12.11 15.76 -6.42
CA ARG A 277 12.66 16.95 -5.75
C ARG A 277 11.81 17.42 -4.57
N LYS A 278 10.50 17.20 -4.63
CA LYS A 278 9.68 17.58 -3.50
C LYS A 278 9.87 16.53 -2.41
N LYS A 279 10.05 15.28 -2.82
CA LYS A 279 10.30 14.20 -1.85
C LYS A 279 11.52 14.62 -1.06
N ALA A 280 12.46 15.27 -1.73
CA ALA A 280 13.67 15.73 -1.06
C ALA A 280 13.34 16.88 -0.11
N LYS A 281 12.45 17.76 -0.56
CA LYS A 281 12.05 18.92 0.24
C LYS A 281 11.37 18.49 1.55
N LEU A 282 10.45 17.53 1.43
CA LEU A 282 9.73 16.98 2.57
C LEU A 282 10.72 16.23 3.46
N PHE A 283 11.63 15.51 2.83
CA PHE A 283 12.63 14.78 3.58
C PHE A 283 13.29 15.80 4.49
N HIS A 284 13.56 16.98 3.93
CA HIS A 284 14.20 18.06 4.66
C HIS A 284 13.40 18.53 5.86
N GLU A 285 12.19 18.99 5.62
CA GLU A 285 11.29 19.50 6.66
C GLU A 285 11.04 18.54 7.83
N ILE A 286 11.34 17.26 7.62
CA ILE A 286 11.12 16.25 8.64
C ILE A 286 12.40 15.91 9.40
N ASN A 287 13.50 15.79 8.66
CA ASN A 287 14.79 15.48 9.25
C ASN A 287 15.29 16.56 10.19
N SER A 288 14.66 17.72 10.13
CA SER A 288 15.02 18.80 11.04
C SER A 288 14.47 18.23 12.35
N LYS A 289 13.14 18.16 12.43
CA LYS A 289 12.44 17.64 13.59
C LYS A 289 13.19 16.46 14.20
N TYR A 290 13.95 15.74 13.38
CA TYR A 290 14.75 14.60 13.86
C TYR A 290 16.25 14.87 13.61
#